data_3B1Y
#
_entry.id   3B1Y
#
_cell.length_a   42.8
_cell.length_b   42.8
_cell.length_c   281.2
_cell.angle_alpha   90.000
_cell.angle_beta   90.000
_cell.angle_gamma   90.000
#
_symmetry.space_group_name_H-M   'P 41 21 2'
#
loop_
_entity.id
_entity.type
_entity.pdbx_description
1 polymer 'Ferrous iron uptake transporter protein B'
2 non-polymer 'AMINOPHOSPHONIC ACID-GUANYLATE ESTER'
3 water water
#
_entity_poly.entity_id   1
_entity_poly.type   'polypeptide(L)'
_entity_poly.pdbx_seq_one_letter_code
;GSMTEIALIGNPNSGKTSLFNLITGHNQRVGNWPGVAVERKSGLVKKNKDLEIQDLPGIYSMSPYSPEEKVARDYLLSQR
ADSILNVVDATNLERNLYLTTQLIETGIPVTIALNMIDVLDGQGKKINVDKLSYHLGVPVVATSALKQTGVDQVVKKAAH
TTTSTVGDLAFPIYDDRLEAAISQILEVLGNSVPQRSARFYAIKLFEQDSLVEAELDLSQFQRKEIEDIIRITEEIFTED
AESIVINERYAFIERVCQMAESHTEDFALTLS
;
_entity_poly.pdbx_strand_id   A
#
# COMPACT_ATOMS: atom_id res chain seq x y z
N MET A 3 15.50 -14.03 5.13
CA MET A 3 16.04 -12.91 5.96
C MET A 3 15.45 -11.55 5.60
N THR A 4 15.06 -11.36 4.34
CA THR A 4 14.27 -10.18 3.93
C THR A 4 13.00 -10.70 3.25
N GLU A 5 11.85 -10.23 3.72
CA GLU A 5 10.53 -10.68 3.29
C GLU A 5 9.86 -9.57 2.50
N ILE A 6 9.60 -9.81 1.21
CA ILE A 6 9.04 -8.81 0.30
C ILE A 6 7.64 -9.24 -0.09
N ALA A 7 6.65 -8.39 0.14
CA ALA A 7 5.26 -8.68 -0.21
C ALA A 7 4.98 -8.14 -1.60
N LEU A 8 4.63 -9.00 -2.55
CA LEU A 8 4.29 -8.56 -3.90
C LEU A 8 2.79 -8.33 -4.00
N ILE A 9 2.38 -7.11 -4.32
CA ILE A 9 0.96 -6.77 -4.47
C ILE A 9 0.75 -5.69 -5.54
N GLY A 10 -0.45 -5.67 -6.11
CA GLY A 10 -0.83 -4.62 -7.05
C GLY A 10 -2.19 -4.93 -7.60
N ASN A 11 -2.70 -4.07 -8.46
CA ASN A 11 -3.97 -4.31 -9.13
C ASN A 11 -3.95 -5.58 -9.97
N PRO A 12 -5.11 -6.24 -10.15
CA PRO A 12 -5.22 -7.33 -11.11
C PRO A 12 -4.76 -6.91 -12.50
N ASN A 13 -4.16 -7.84 -13.23
CA ASN A 13 -3.63 -7.60 -14.57
C ASN A 13 -2.59 -6.47 -14.72
N SER A 14 -1.78 -6.28 -13.68
CA SER A 14 -0.66 -5.36 -13.71
C SER A 14 0.64 -6.10 -14.10
N GLY A 15 0.58 -7.43 -14.14
CA GLY A 15 1.71 -8.30 -14.53
C GLY A 15 2.41 -8.94 -13.35
N LYS A 16 1.65 -9.14 -12.27
CA LYS A 16 2.20 -9.58 -11.01
C LYS A 16 2.64 -11.05 -11.06
N THR A 17 1.78 -11.92 -11.56
CA THR A 17 2.14 -13.31 -11.78
C THR A 17 3.43 -13.41 -12.62
N SER A 18 3.45 -12.67 -13.74
CA SER A 18 4.59 -12.63 -14.66
C SER A 18 5.88 -12.22 -13.96
N LEU A 19 5.83 -11.13 -13.19
CA LEU A 19 7.00 -10.71 -12.42
C LEU A 19 7.36 -11.73 -11.34
N PHE A 20 6.34 -12.22 -10.64
CA PHE A 20 6.53 -13.22 -9.58
C PHE A 20 7.26 -14.48 -10.10
N ASN A 21 6.82 -14.98 -11.25
CA ASN A 21 7.44 -16.15 -11.88
C ASN A 21 8.87 -15.90 -12.33
N LEU A 22 9.16 -14.71 -12.86
CA LEU A 22 10.52 -14.37 -13.29
C LEU A 22 11.50 -14.30 -12.11
N ILE A 23 11.04 -13.67 -11.03
CA ILE A 23 11.82 -13.43 -9.80
C ILE A 23 12.18 -14.72 -9.03
N THR A 24 11.18 -15.60 -8.93
CA THR A 24 11.27 -16.81 -8.12
C THR A 24 11.56 -18.09 -8.91
N GLY A 25 11.26 -18.09 -10.22
CA GLY A 25 11.49 -19.24 -11.09
C GLY A 25 10.57 -20.40 -10.71
N HIS A 26 11.18 -21.45 -10.17
CA HIS A 26 10.45 -22.64 -9.75
C HIS A 26 10.66 -22.91 -8.25
N ASN A 27 11.08 -21.88 -7.51
CA ASN A 27 11.22 -21.93 -6.05
C ASN A 27 9.90 -21.57 -5.32
N GLN A 28 8.75 -21.87 -5.94
CA GLN A 28 7.44 -21.44 -5.44
C GLN A 28 6.72 -22.48 -4.58
N ARG A 29 6.07 -21.99 -3.53
CA ARG A 29 5.25 -22.78 -2.62
C ARG A 29 3.79 -22.32 -2.81
N VAL A 30 2.87 -23.29 -2.95
CA VAL A 30 1.46 -22.97 -3.13
C VAL A 30 0.65 -23.66 -2.05
N GLY A 31 -0.29 -22.91 -1.47
CA GLY A 31 -1.20 -23.40 -0.44
C GLY A 31 -2.36 -22.43 -0.35
N ASN A 32 -2.82 -22.17 0.87
CA ASN A 32 -3.90 -21.21 1.08
C ASN A 32 -3.73 -20.42 2.38
N TRP A 33 -4.43 -19.28 2.42
CA TRP A 33 -4.46 -18.43 3.60
C TRP A 33 -5.36 -19.14 4.63
N PRO A 34 -4.99 -19.12 5.93
CA PRO A 34 -5.73 -19.91 6.92
C PRO A 34 -7.25 -19.64 6.97
N GLY A 35 -8.04 -20.73 6.89
CA GLY A 35 -9.51 -20.69 6.96
C GLY A 35 -10.24 -19.81 5.96
N VAL A 36 -9.58 -19.50 4.84
CA VAL A 36 -10.09 -18.60 3.81
C VAL A 36 -9.80 -19.18 2.43
N ALA A 37 -10.75 -19.08 1.50
CA ALA A 37 -10.63 -19.69 0.16
C ALA A 37 -9.87 -18.81 -0.83
N VAL A 38 -8.65 -18.47 -0.44
CA VAL A 38 -7.77 -17.61 -1.21
C VAL A 38 -6.41 -18.26 -1.31
N GLU A 39 -5.89 -18.34 -2.54
CA GLU A 39 -4.56 -18.87 -2.81
C GLU A 39 -3.50 -18.10 -2.03
N ARG A 40 -2.59 -18.86 -1.42
CA ARG A 40 -1.41 -18.28 -0.78
C ARG A 40 -0.22 -18.79 -1.56
N LYS A 41 0.56 -17.90 -2.15
CA LYS A 41 1.82 -18.34 -2.73
C LYS A 41 2.99 -17.43 -2.39
N SER A 42 4.17 -18.08 -2.35
CA SER A 42 5.43 -17.46 -2.03
C SER A 42 6.57 -18.17 -2.72
N GLY A 43 7.74 -17.55 -2.70
CA GLY A 43 8.92 -18.16 -3.28
C GLY A 43 10.17 -17.40 -2.92
N LEU A 44 11.33 -18.08 -3.02
CA LEU A 44 12.64 -17.47 -2.81
C LEU A 44 13.04 -16.84 -4.13
N VAL A 45 13.74 -15.70 -4.06
CA VAL A 45 14.22 -15.02 -5.26
C VAL A 45 15.31 -15.89 -5.84
N LYS A 46 15.15 -16.27 -7.11
CA LYS A 46 16.08 -17.19 -7.78
C LYS A 46 17.55 -16.78 -7.62
N LYS A 47 17.85 -15.51 -7.85
CA LYS A 47 19.21 -14.99 -7.81
C LYS A 47 19.72 -14.56 -6.42
N ASN A 48 18.89 -14.65 -5.39
CA ASN A 48 19.30 -14.30 -4.02
C ASN A 48 18.32 -14.94 -3.03
N LYS A 49 18.69 -16.12 -2.53
CA LYS A 49 17.83 -16.96 -1.69
C LYS A 49 17.69 -16.48 -0.23
N ASP A 50 18.33 -15.38 0.13
CA ASP A 50 18.06 -14.71 1.42
C ASP A 50 16.82 -13.82 1.32
N LEU A 51 16.35 -13.55 0.11
CA LEU A 51 15.14 -12.77 -0.14
C LEU A 51 13.99 -13.73 -0.48
N GLU A 52 12.84 -13.50 0.14
CA GLU A 52 11.63 -14.28 -0.11
C GLU A 52 10.46 -13.37 -0.50
N ILE A 53 9.78 -13.74 -1.58
CA ILE A 53 8.61 -13.01 -2.07
C ILE A 53 7.35 -13.67 -1.54
N GLN A 54 6.49 -12.90 -0.87
CA GLN A 54 5.17 -13.36 -0.45
C GLN A 54 4.21 -12.68 -1.39
N ASP A 55 3.59 -13.46 -2.26
CA ASP A 55 2.59 -12.92 -3.20
C ASP A 55 1.37 -12.59 -2.36
N LEU A 56 0.63 -11.58 -2.79
CA LEU A 56 -0.63 -11.20 -2.17
C LEU A 56 -1.67 -11.08 -3.25
N PRO A 57 -2.95 -11.38 -2.94
CA PRO A 57 -3.97 -11.31 -3.97
C PRO A 57 -4.02 -9.94 -4.65
N GLY A 58 -4.23 -9.94 -5.96
CA GLY A 58 -4.38 -8.70 -6.72
C GLY A 58 -5.62 -8.01 -6.26
N ILE A 59 -5.51 -6.74 -5.89
CA ILE A 59 -6.66 -5.97 -5.41
C ILE A 59 -6.58 -4.53 -5.91
N TYR A 60 -7.75 -3.90 -5.98
CA TYR A 60 -7.90 -2.52 -6.37
C TYR A 60 -7.85 -1.58 -5.17
N SER A 61 -8.19 -2.12 -3.99
CA SER A 61 -8.24 -1.36 -2.75
C SER A 61 -8.23 -2.28 -1.52
N MET A 62 -8.04 -1.70 -0.33
CA MET A 62 -8.05 -2.46 0.94
C MET A 62 -9.35 -2.18 1.73
N SER A 63 -10.47 -2.62 1.14
CA SER A 63 -11.79 -2.45 1.73
C SER A 63 -11.97 -3.62 2.69
N PRO A 64 -13.01 -3.58 3.56
CA PRO A 64 -13.25 -4.66 4.50
C PRO A 64 -14.17 -5.76 3.99
N TYR A 65 -14.71 -5.62 2.79
CA TYR A 65 -15.74 -6.54 2.27
C TYR A 65 -15.27 -7.82 1.54
N SER A 66 -14.05 -7.84 1.04
CA SER A 66 -13.54 -8.93 0.20
C SER A 66 -12.54 -9.81 0.96
N PRO A 67 -12.69 -11.14 0.91
CA PRO A 67 -11.72 -12.02 1.56
C PRO A 67 -10.26 -11.81 1.11
N GLU A 68 -10.06 -11.49 -0.18
CA GLU A 68 -8.73 -11.18 -0.77
C GLU A 68 -8.12 -9.91 -0.19
N GLU A 69 -8.94 -8.87 -0.09
CA GLU A 69 -8.50 -7.56 0.40
C GLU A 69 -8.14 -7.65 1.88
N LYS A 70 -8.94 -8.40 2.64
CA LYS A 70 -8.68 -8.65 4.06
C LYS A 70 -7.40 -9.47 4.26
N VAL A 71 -7.17 -10.47 3.42
CA VAL A 71 -5.89 -11.17 3.49
C VAL A 71 -4.75 -10.18 3.24
N ALA A 72 -4.83 -9.42 2.14
CA ALA A 72 -3.82 -8.40 1.80
C ALA A 72 -3.50 -7.51 2.97
N ARG A 73 -4.56 -6.99 3.58
CA ARG A 73 -4.45 -6.08 4.71
C ARG A 73 -3.92 -6.75 5.95
N ASP A 74 -4.50 -7.89 6.32
CA ASP A 74 -4.09 -8.57 7.54
C ASP A 74 -2.61 -8.92 7.51
N TYR A 75 -2.11 -9.37 6.36
CA TYR A 75 -0.70 -9.69 6.23
C TYR A 75 0.20 -8.45 6.31
N LEU A 76 -0.17 -7.36 5.63
CA LEU A 76 0.66 -6.14 5.63
C LEU A 76 0.70 -5.50 7.01
N LEU A 77 -0.40 -5.50 7.73
CA LEU A 77 -0.44 -4.97 9.10
C LEU A 77 0.11 -5.93 10.16
N SER A 78 0.50 -7.14 9.80
CA SER A 78 1.06 -8.11 10.77
C SER A 78 2.56 -7.96 10.99
N GLN A 79 3.21 -7.07 10.25
CA GLN A 79 4.65 -6.84 10.38
C GLN A 79 5.54 -8.00 9.90
N ARG A 80 5.00 -9.00 9.19
CA ARG A 80 5.83 -10.07 8.63
C ARG A 80 6.69 -9.54 7.47
N ALA A 81 6.19 -8.53 6.76
CA ALA A 81 6.90 -7.97 5.60
C ALA A 81 7.92 -6.89 6.01
N ASP A 82 9.09 -6.96 5.40
CA ASP A 82 10.11 -5.94 5.51
C ASP A 82 9.88 -4.89 4.42
N SER A 83 9.35 -5.32 3.27
CA SER A 83 9.12 -4.47 2.09
C SER A 83 7.85 -4.84 1.35
N ILE A 84 7.26 -3.84 0.70
CA ILE A 84 6.17 -4.02 -0.22
C ILE A 84 6.74 -3.65 -1.60
N LEU A 85 6.71 -4.60 -2.53
CA LEU A 85 7.07 -4.35 -3.91
C LEU A 85 5.72 -4.24 -4.60
N ASN A 86 5.35 -3.00 -4.95
CA ASN A 86 4.07 -2.65 -5.55
C ASN A 86 4.13 -2.74 -7.06
N VAL A 87 3.48 -3.76 -7.64
CA VAL A 87 3.44 -3.88 -9.10
C VAL A 87 2.38 -2.89 -9.62
N VAL A 88 2.80 -1.96 -10.47
CA VAL A 88 1.92 -0.92 -10.99
C VAL A 88 1.86 -0.95 -12.52
N ASP A 89 0.64 -0.90 -13.07
CA ASP A 89 0.41 -0.84 -14.51
C ASP A 89 0.73 0.59 -15.01
N ALA A 90 1.87 0.73 -15.67
CA ALA A 90 2.28 2.04 -16.22
C ALA A 90 1.34 2.59 -17.30
N THR A 91 0.58 1.73 -17.99
CA THR A 91 -0.39 2.19 -19.00
C THR A 91 -1.64 2.78 -18.36
N ASN A 92 -1.87 2.49 -17.07
CA ASN A 92 -3.03 2.97 -16.34
C ASN A 92 -2.57 3.49 -14.96
N LEU A 93 -1.55 4.35 -14.99
CA LEU A 93 -0.82 4.80 -13.80
C LEU A 93 -1.64 5.34 -12.64
N GLU A 94 -2.52 6.26 -12.93
CA GLU A 94 -3.26 7.02 -11.93
C GLU A 94 -4.19 6.14 -11.08
N ARG A 95 -4.95 5.28 -11.75
CA ARG A 95 -5.90 4.38 -11.07
C ARG A 95 -5.21 3.31 -10.22
N ASN A 96 -4.05 2.83 -10.68
CA ASN A 96 -3.24 1.89 -9.91
C ASN A 96 -2.72 2.54 -8.65
N LEU A 97 -2.36 3.83 -8.74
CA LEU A 97 -1.84 4.55 -7.57
C LEU A 97 -2.87 4.69 -6.44
N TYR A 98 -4.15 4.43 -6.69
CA TYR A 98 -5.17 4.46 -5.65
C TYR A 98 -4.78 3.51 -4.51
N LEU A 99 -4.46 2.26 -4.87
CA LEU A 99 -3.96 1.27 -3.90
C LEU A 99 -2.61 1.67 -3.35
N THR A 100 -1.72 2.17 -4.23
CA THR A 100 -0.37 2.56 -3.81
C THR A 100 -0.38 3.48 -2.59
N THR A 101 -1.30 4.47 -2.58
CA THR A 101 -1.39 5.40 -1.45
C THR A 101 -1.76 4.68 -0.15
N GLN A 102 -2.67 3.71 -0.25
CA GLN A 102 -3.06 2.88 0.90
C GLN A 102 -1.90 2.02 1.39
N LEU A 103 -1.15 1.43 0.45
CA LEU A 103 0.00 0.59 0.78
C LEU A 103 1.10 1.36 1.53
N ILE A 104 1.39 2.58 1.10
CA ILE A 104 2.35 3.43 1.81
C ILE A 104 1.90 3.68 3.26
N GLU A 105 0.59 3.84 3.46
CA GLU A 105 0.02 4.15 4.79
C GLU A 105 0.19 3.04 5.83
N THR A 106 0.41 1.80 5.40
CA THR A 106 0.68 0.70 6.33
C THR A 106 1.98 0.90 7.09
N GLY A 107 2.90 1.68 6.53
CA GLY A 107 4.20 1.94 7.16
C GLY A 107 5.28 0.95 6.82
N ILE A 108 4.94 -0.08 6.02
CA ILE A 108 5.94 -0.98 5.45
C ILE A 108 6.41 -0.28 4.18
N PRO A 109 7.71 0.07 4.07
CA PRO A 109 8.19 0.81 2.90
C PRO A 109 7.85 0.22 1.53
N VAL A 110 7.33 1.08 0.66
CA VAL A 110 6.96 0.68 -0.70
C VAL A 110 8.06 1.00 -1.72
N THR A 111 8.24 0.06 -2.65
CA THR A 111 9.03 0.17 -3.85
C THR A 111 8.06 -0.13 -5.00
N ILE A 112 8.06 0.68 -6.05
CA ILE A 112 7.19 0.46 -7.21
C ILE A 112 7.91 -0.15 -8.43
N ALA A 113 7.43 -1.31 -8.88
CA ALA A 113 7.81 -1.87 -10.16
C ALA A 113 6.78 -1.24 -11.08
N LEU A 114 7.24 -0.29 -11.88
CA LEU A 114 6.41 0.43 -12.83
C LEU A 114 6.36 -0.47 -14.06
N ASN A 115 5.47 -1.45 -14.03
CA ASN A 115 5.42 -2.50 -15.05
C ASN A 115 4.71 -2.07 -16.32
N MET A 116 4.92 -2.86 -17.38
CA MET A 116 4.33 -2.65 -18.70
C MET A 116 4.90 -1.40 -19.37
N ILE A 117 6.15 -1.08 -19.05
CA ILE A 117 6.82 0.10 -19.61
C ILE A 117 6.97 -0.04 -21.13
N ASP A 118 7.14 -1.28 -21.62
CA ASP A 118 7.23 -1.57 -23.05
C ASP A 118 6.00 -1.13 -23.86
N VAL A 119 4.80 -1.29 -23.28
CA VAL A 119 3.53 -0.92 -23.93
C VAL A 119 3.40 0.60 -23.99
N LEU A 120 3.78 1.26 -22.91
CA LEU A 120 3.70 2.73 -22.76
C LEU A 120 4.34 3.53 -23.93
N ASP A 121 5.26 2.90 -24.67
CA ASP A 121 5.95 3.52 -25.80
C ASP A 121 5.03 3.78 -27.00
N LYS A 126 4.04 8.68 -21.77
CA LYS A 126 5.13 9.48 -21.22
C LYS A 126 5.06 9.46 -19.70
N ILE A 127 6.11 8.94 -19.06
CA ILE A 127 6.24 8.95 -17.59
C ILE A 127 7.68 9.25 -17.18
N ASN A 128 7.82 10.23 -16.29
CA ASN A 128 9.12 10.63 -15.75
C ASN A 128 9.31 9.82 -14.48
N VAL A 129 10.17 8.81 -14.53
CA VAL A 129 10.38 7.89 -13.40
C VAL A 129 10.96 8.62 -12.18
N ASP A 130 12.06 9.35 -12.38
CA ASP A 130 12.74 10.07 -11.31
C ASP A 130 11.83 11.10 -10.63
N LYS A 131 11.03 11.82 -11.41
CA LYS A 131 10.10 12.81 -10.86
C LYS A 131 8.89 12.14 -10.20
N LEU A 132 8.46 10.99 -10.72
CA LEU A 132 7.36 10.23 -10.11
C LEU A 132 7.76 9.70 -8.73
N SER A 133 8.98 9.19 -8.62
CA SER A 133 9.54 8.71 -7.36
C SER A 133 9.70 9.81 -6.32
N TYR A 134 10.10 10.99 -6.80
CA TYR A 134 10.35 12.13 -5.92
C TYR A 134 9.08 12.57 -5.19
N HIS A 135 7.98 12.70 -5.94
CA HIS A 135 6.70 13.22 -5.43
C HIS A 135 5.82 12.21 -4.71
N LEU A 136 5.94 10.93 -5.06
CA LEU A 136 5.30 9.83 -4.32
C LEU A 136 6.08 9.48 -3.05
N GLY A 137 7.36 9.80 -3.04
CA GLY A 137 8.23 9.51 -1.91
C GLY A 137 8.63 8.05 -1.76
N VAL A 138 8.49 7.27 -2.84
CA VAL A 138 8.88 5.85 -2.90
C VAL A 138 9.78 5.62 -4.10
N PRO A 139 10.69 4.63 -4.02
CA PRO A 139 11.49 4.36 -5.23
C PRO A 139 10.62 3.75 -6.33
N VAL A 140 10.92 4.11 -7.57
CA VAL A 140 10.22 3.63 -8.77
C VAL A 140 11.22 3.12 -9.82
N VAL A 141 11.06 1.87 -10.24
CA VAL A 141 11.89 1.22 -11.23
C VAL A 141 11.00 0.77 -12.38
N ALA A 142 11.24 1.31 -13.59
CA ALA A 142 10.54 0.87 -14.78
C ALA A 142 10.92 -0.57 -15.05
N THR A 143 9.91 -1.44 -15.24
CA THR A 143 10.13 -2.84 -15.55
C THR A 143 9.29 -3.31 -16.74
N SER A 144 9.73 -4.41 -17.33
CA SER A 144 8.94 -5.11 -18.33
C SER A 144 9.06 -6.62 -18.12
N ALA A 145 7.97 -7.25 -17.70
CA ALA A 145 7.92 -8.71 -17.52
C ALA A 145 7.97 -9.43 -18.86
N LEU A 146 7.55 -8.76 -19.94
CA LEU A 146 7.57 -9.28 -21.30
C LEU A 146 9.01 -9.31 -21.82
N LYS A 147 9.70 -8.17 -21.77
CA LYS A 147 11.08 -8.07 -22.24
C LYS A 147 12.13 -8.46 -21.19
N GLN A 148 11.67 -8.73 -19.97
CA GLN A 148 12.50 -9.11 -18.82
C GLN A 148 13.51 -8.02 -18.43
N THR A 149 13.07 -6.76 -18.41
CA THR A 149 13.92 -5.64 -18.00
C THR A 149 13.45 -5.07 -16.66
N GLY A 150 14.40 -4.60 -15.86
CA GLY A 150 14.14 -3.96 -14.58
C GLY A 150 13.79 -4.88 -13.44
N VAL A 151 13.73 -6.18 -13.70
CA VAL A 151 13.29 -7.15 -12.72
C VAL A 151 14.32 -7.18 -11.60
N ASP A 152 15.54 -7.64 -11.89
CA ASP A 152 16.61 -7.67 -10.87
C ASP A 152 16.81 -6.32 -10.17
N GLN A 153 16.69 -5.22 -10.93
CA GLN A 153 16.83 -3.88 -10.36
C GLN A 153 15.77 -3.58 -9.30
N VAL A 154 14.51 -3.89 -9.60
CA VAL A 154 13.42 -3.57 -8.67
C VAL A 154 13.48 -4.46 -7.42
N VAL A 155 13.89 -5.71 -7.61
CA VAL A 155 14.06 -6.65 -6.49
C VAL A 155 15.17 -6.18 -5.55
N LYS A 156 16.24 -5.66 -6.15
CA LYS A 156 17.38 -5.08 -5.42
C LYS A 156 16.97 -3.80 -4.69
N LYS A 157 16.21 -2.92 -5.34
CA LYS A 157 15.72 -1.72 -4.69
C LYS A 157 14.86 -2.09 -3.48
N ALA A 158 13.87 -2.95 -3.71
CA ALA A 158 12.96 -3.39 -2.64
C ALA A 158 13.71 -4.05 -1.47
N ALA A 159 14.68 -4.89 -1.79
CA ALA A 159 15.49 -5.55 -0.73
C ALA A 159 16.27 -4.58 0.15
N HIS A 160 16.59 -3.40 -0.39
CA HIS A 160 17.27 -2.32 0.33
C HIS A 160 16.35 -1.17 0.73
N THR A 161 15.03 -1.33 0.60
CA THR A 161 14.03 -0.33 1.02
C THR A 161 13.05 -1.00 1.98
N THR A 162 13.53 -1.22 3.21
CA THR A 162 12.86 -1.99 4.26
C THR A 162 12.53 -1.20 5.53
N THR A 163 11.80 -1.83 6.44
CA THR A 163 11.46 -1.26 7.75
C THR A 163 12.70 -0.93 8.61
N SER A 164 13.83 -1.59 8.33
CA SER A 164 15.10 -1.32 9.03
C SER A 164 16.10 -0.40 8.31
N THR A 165 15.91 -0.14 7.00
CA THR A 165 16.76 0.80 6.23
C THR A 165 16.12 2.17 6.05
N VAL A 166 14.81 2.21 5.90
CA VAL A 166 14.08 3.47 5.74
C VAL A 166 13.70 3.95 7.12
N GLY A 167 13.91 5.25 7.37
CA GLY A 167 13.57 5.90 8.65
C GLY A 167 12.46 6.91 8.47
N ASP A 168 12.74 7.92 7.63
CA ASP A 168 11.74 8.94 7.27
C ASP A 168 10.75 8.32 6.31
N LEU A 169 9.65 7.80 6.87
CA LEU A 169 8.55 7.24 6.07
C LEU A 169 7.65 8.39 5.61
N ALA A 170 7.73 8.73 4.32
CA ALA A 170 6.96 9.80 3.71
C ALA A 170 5.57 9.32 3.29
N PHE A 171 4.54 9.81 3.97
CA PHE A 171 3.14 9.48 3.68
C PHE A 171 2.52 10.51 2.75
N PRO A 172 1.54 10.09 1.93
CA PRO A 172 0.79 11.07 1.16
C PRO A 172 0.09 12.08 2.06
N ILE A 173 0.44 13.36 1.91
CA ILE A 173 -0.17 14.43 2.69
C ILE A 173 -1.39 14.92 1.91
N TYR A 174 -2.52 14.99 2.60
CA TYR A 174 -3.78 15.42 2.01
C TYR A 174 -4.11 16.85 2.47
N ASP A 175 -5.29 17.34 2.10
CA ASP A 175 -5.84 18.65 2.48
C ASP A 175 -5.67 18.90 3.98
N ASP A 176 -5.32 20.12 4.36
CA ASP A 176 -5.19 20.53 5.78
C ASP A 176 -6.38 20.07 6.64
N ARG A 177 -7.58 20.22 6.11
CA ARG A 177 -8.80 19.87 6.85
C ARG A 177 -8.95 18.34 7.11
N LEU A 178 -8.42 17.48 6.24
CA LEU A 178 -8.39 16.02 6.51
C LEU A 178 -7.24 15.66 7.45
N GLU A 179 -6.08 16.29 7.22
CA GLU A 179 -4.92 16.10 8.08
C GLU A 179 -5.20 16.47 9.53
N ALA A 180 -5.96 17.54 9.73
CA ALA A 180 -6.35 17.99 11.07
C ALA A 180 -7.12 16.89 11.80
N ALA A 181 -8.06 16.27 11.08
CA ALA A 181 -8.88 15.18 11.62
C ALA A 181 -8.05 13.93 11.90
N ILE A 182 -7.10 13.62 11.01
CA ILE A 182 -6.18 12.49 11.22
C ILE A 182 -5.27 12.75 12.41
N SER A 183 -4.70 13.96 12.51
CA SER A 183 -3.89 14.35 13.65
C SER A 183 -4.68 14.17 14.94
N GLN A 184 -5.93 14.65 14.92
CA GLN A 184 -6.79 14.58 16.11
C GLN A 184 -7.05 13.13 16.50
N ILE A 185 -7.27 12.26 15.51
CA ILE A 185 -7.47 10.83 15.76
C ILE A 185 -6.19 10.16 16.28
N LEU A 186 -5.03 10.50 15.72
CA LEU A 186 -3.74 9.93 16.20
C LEU A 186 -3.50 10.31 17.66
N GLU A 187 -3.72 11.58 17.98
CA GLU A 187 -3.60 12.10 19.34
C GLU A 187 -4.57 11.40 20.30
N VAL A 188 -5.77 11.10 19.83
CA VAL A 188 -6.75 10.34 20.61
C VAL A 188 -6.31 8.89 20.81
N LEU A 189 -5.93 8.21 19.73
CA LEU A 189 -5.50 6.80 19.77
C LEU A 189 -4.30 6.59 20.67
N GLY A 190 -3.30 7.45 20.53
CA GLY A 190 -2.10 7.38 21.34
C GLY A 190 -1.39 6.06 21.13
N ASN A 191 -1.26 5.29 22.20
CA ASN A 191 -0.58 3.99 22.21
C ASN A 191 -1.50 2.80 21.93
N SER A 192 -2.76 3.04 21.56
CA SER A 192 -3.71 1.94 21.32
C SER A 192 -3.55 1.23 19.97
N VAL A 193 -2.67 1.73 19.11
CA VAL A 193 -2.34 1.14 17.80
C VAL A 193 -0.83 1.14 17.55
N PRO A 194 -0.34 0.30 16.62
CA PRO A 194 1.10 0.30 16.32
C PRO A 194 1.63 1.62 15.75
N GLN A 195 2.83 2.04 16.16
CA GLN A 195 3.41 3.29 15.71
C GLN A 195 3.62 3.38 14.19
N ARG A 196 4.08 2.29 13.60
CA ARG A 196 4.40 2.20 12.16
C ARG A 196 3.19 2.39 11.25
N SER A 197 2.10 1.72 11.60
CA SER A 197 0.82 1.75 10.87
C SER A 197 -0.26 2.64 11.52
N ALA A 198 0.12 3.54 12.42
CA ALA A 198 -0.83 4.44 13.09
C ALA A 198 -1.72 5.23 12.11
N ARG A 199 -1.09 5.77 11.06
CA ARG A 199 -1.83 6.55 10.05
C ARG A 199 -2.86 5.69 9.31
N PHE A 200 -2.51 4.44 9.01
CA PHE A 200 -3.44 3.48 8.38
C PHE A 200 -4.69 3.32 9.24
N TYR A 201 -4.48 3.07 10.53
CA TYR A 201 -5.61 2.89 11.46
C TYR A 201 -6.42 4.16 11.63
N ALA A 202 -5.77 5.33 11.69
CA ALA A 202 -6.47 6.60 11.90
C ALA A 202 -7.39 6.90 10.74
N ILE A 203 -6.89 6.69 9.52
CA ILE A 203 -7.72 6.89 8.31
C ILE A 203 -8.89 5.90 8.30
N LYS A 204 -8.64 4.66 8.71
CA LYS A 204 -9.71 3.64 8.73
C LYS A 204 -10.80 3.90 9.77
N LEU A 205 -10.41 4.37 10.94
CA LEU A 205 -11.37 4.80 11.97
C LEU A 205 -12.17 5.99 11.43
N PHE A 206 -11.51 6.92 10.73
CA PHE A 206 -12.19 8.06 10.11
C PHE A 206 -13.23 7.61 9.09
N GLU A 207 -12.93 6.53 8.40
CA GLU A 207 -13.87 5.89 7.46
C GLU A 207 -14.90 4.98 8.15
N GLN A 208 -14.82 4.80 9.47
CA GLN A 208 -15.68 3.90 10.26
C GLN A 208 -15.63 2.47 9.69
N ASP A 209 -14.40 1.98 9.55
CA ASP A 209 -14.10 0.70 8.97
C ASP A 209 -14.40 -0.38 10.00
N SER A 210 -15.25 -1.33 9.61
CA SER A 210 -15.76 -2.37 10.51
C SER A 210 -14.69 -3.27 11.10
N LEU A 211 -13.76 -3.75 10.28
CA LEU A 211 -12.67 -4.61 10.76
C LEU A 211 -11.80 -3.88 11.79
N VAL A 212 -11.42 -2.65 11.49
CA VAL A 212 -10.53 -1.88 12.37
C VAL A 212 -11.19 -1.55 13.72
N GLU A 213 -12.46 -1.15 13.70
CA GLU A 213 -13.21 -0.88 14.94
C GLU A 213 -13.30 -2.11 15.83
N ALA A 214 -13.67 -3.24 15.22
CA ALA A 214 -13.79 -4.53 15.92
C ALA A 214 -12.47 -5.06 16.49
N GLU A 215 -11.35 -4.65 15.91
CA GLU A 215 -10.01 -5.15 16.24
C GLU A 215 -9.36 -4.43 17.44
N LEU A 216 -9.45 -3.09 17.43
CA LEU A 216 -8.89 -2.24 18.47
C LEU A 216 -9.75 -2.22 19.74
N ASP A 217 -9.11 -2.35 20.90
CA ASP A 217 -9.79 -2.19 22.20
C ASP A 217 -9.72 -0.71 22.57
N LEU A 218 -10.69 0.06 22.06
CA LEU A 218 -10.73 1.51 22.25
C LEU A 218 -11.71 1.83 23.38
N SER A 219 -11.27 2.65 24.33
CA SER A 219 -12.10 3.09 25.44
C SER A 219 -13.24 3.98 24.98
N GLN A 220 -14.25 4.15 25.84
CA GLN A 220 -15.38 5.08 25.57
C GLN A 220 -14.86 6.50 25.31
N PHE A 221 -13.89 6.94 26.10
CA PHE A 221 -13.22 8.23 25.93
C PHE A 221 -12.67 8.38 24.51
N GLN A 222 -11.89 7.38 24.10
CA GLN A 222 -11.34 7.35 22.75
C GLN A 222 -12.45 7.36 21.70
N ARG A 223 -13.41 6.44 21.82
CA ARG A 223 -14.52 6.33 20.84
C ARG A 223 -15.28 7.65 20.61
N LYS A 224 -15.61 8.36 21.70
CA LYS A 224 -16.38 9.61 21.64
C LYS A 224 -15.59 10.74 20.93
N GLU A 225 -14.32 10.90 21.27
CA GLU A 225 -13.49 11.87 20.56
C GLU A 225 -13.42 11.62 19.04
N ILE A 226 -13.26 10.37 18.62
CA ILE A 226 -13.24 10.01 17.19
C ILE A 226 -14.58 10.31 16.49
N GLU A 227 -15.70 10.09 17.17
CA GLU A 227 -17.01 10.46 16.63
C GLU A 227 -17.14 11.98 16.42
N ASP A 228 -16.72 12.77 17.42
CA ASP A 228 -16.71 14.23 17.31
C ASP A 228 -15.91 14.71 16.09
N ILE A 229 -14.68 14.19 15.97
CA ILE A 229 -13.76 14.53 14.89
C ILE A 229 -14.40 14.25 13.53
N ILE A 230 -15.02 13.07 13.39
CA ILE A 230 -15.70 12.66 12.16
C ILE A 230 -16.91 13.55 11.87
N ARG A 231 -17.74 13.77 12.89
CA ARG A 231 -18.95 14.58 12.71
C ARG A 231 -18.60 15.97 12.18
N ILE A 232 -17.62 16.61 12.82
CA ILE A 232 -17.23 17.97 12.47
C ILE A 232 -16.60 18.06 11.08
N THR A 233 -15.67 17.16 10.77
CA THR A 233 -14.99 17.17 9.46
C THR A 233 -15.97 16.97 8.28
N GLU A 234 -17.05 16.21 8.49
CA GLU A 234 -18.10 16.07 7.45
C GLU A 234 -18.82 17.41 7.16
N GLU A 235 -18.99 18.24 8.20
CA GLU A 235 -19.58 19.58 8.02
C GLU A 235 -18.61 20.54 7.32
N ILE A 236 -17.33 20.47 7.66
CA ILE A 236 -16.29 21.31 7.06
C ILE A 236 -16.12 21.03 5.57
N PHE A 237 -16.19 19.76 5.18
CA PHE A 237 -16.06 19.35 3.76
C PHE A 237 -17.39 19.29 3.00
N THR A 238 -18.52 19.20 3.71
CA THR A 238 -19.85 19.01 3.11
C THR A 238 -19.92 17.69 2.29
N GLU A 239 -19.26 16.64 2.80
CA GLU A 239 -19.29 15.28 2.25
C GLU A 239 -19.03 14.25 3.35
N ASP A 240 -19.47 13.01 3.11
CA ASP A 240 -19.33 11.93 4.08
C ASP A 240 -17.87 11.49 4.19
N ALA A 241 -17.48 11.03 5.39
CA ALA A 241 -16.10 10.60 5.71
C ALA A 241 -15.41 9.77 4.65
N GLU A 242 -16.10 8.74 4.16
CA GLU A 242 -15.55 7.89 3.08
C GLU A 242 -15.29 8.69 1.82
N SER A 243 -16.27 9.51 1.41
CA SER A 243 -16.13 10.32 0.20
C SER A 243 -14.99 11.34 0.30
N ILE A 244 -14.76 11.86 1.50
CA ILE A 244 -13.64 12.79 1.74
C ILE A 244 -12.32 12.09 1.44
N VAL A 245 -12.12 10.91 2.01
CA VAL A 245 -10.87 10.14 1.81
C VAL A 245 -10.73 9.69 0.35
N ILE A 246 -11.82 9.27 -0.30
CA ILE A 246 -11.73 8.86 -1.71
C ILE A 246 -11.28 10.04 -2.58
N ASN A 247 -11.95 11.19 -2.45
CA ASN A 247 -11.60 12.40 -3.22
C ASN A 247 -10.19 12.94 -2.91
N GLU A 248 -9.76 12.81 -1.67
CA GLU A 248 -8.41 13.26 -1.28
C GLU A 248 -7.29 12.38 -1.84
N ARG A 249 -7.55 11.08 -1.92
CA ARG A 249 -6.61 10.15 -2.54
C ARG A 249 -6.41 10.50 -4.00
N TYR A 250 -7.50 10.70 -4.73
CA TYR A 250 -7.43 11.04 -6.15
C TYR A 250 -6.82 12.41 -6.40
N ALA A 251 -7.11 13.39 -5.52
CA ALA A 251 -6.50 14.73 -5.64
C ALA A 251 -5.00 14.65 -5.47
N PHE A 252 -4.53 13.83 -4.54
CA PHE A 252 -3.10 13.65 -4.32
C PHE A 252 -2.44 12.97 -5.53
N ILE A 253 -3.15 12.01 -6.13
CA ILE A 253 -2.69 11.32 -7.32
C ILE A 253 -2.68 12.29 -8.52
N GLU A 254 -3.72 13.11 -8.64
CA GLU A 254 -3.83 14.09 -9.72
C GLU A 254 -2.71 15.15 -9.64
N ARG A 255 -2.35 15.60 -8.43
CA ARG A 255 -1.25 16.57 -8.22
C ARG A 255 0.10 15.98 -8.62
N VAL A 256 0.45 14.84 -8.00
CA VAL A 256 1.72 14.12 -8.23
C VAL A 256 1.98 13.81 -9.70
N CYS A 257 0.93 13.41 -10.41
CA CYS A 257 1.02 13.14 -11.85
C CYS A 257 1.19 14.44 -12.67
N GLN A 258 0.57 15.54 -12.24
CA GLN A 258 0.76 16.84 -12.88
C GLN A 258 2.22 17.27 -12.73
N MET A 259 2.75 17.16 -11.51
CA MET A 259 4.14 17.53 -11.21
C MET A 259 5.22 16.65 -11.88
N ALA A 260 4.87 15.47 -12.40
CA ALA A 260 5.83 14.56 -13.08
C ALA A 260 5.40 13.94 -14.42
N GLU A 261 4.23 14.30 -14.96
CA GLU A 261 3.65 13.66 -16.17
C GLU A 261 3.37 12.16 -15.95
#